data_3E19
#
_entry.id   3E19
#
_cell.length_a   93.786
_cell.length_b   68.386
_cell.length_c   68.969
_cell.angle_alpha   90.00
_cell.angle_beta   132.67
_cell.angle_gamma   90.00
#
_symmetry.space_group_name_H-M   'C 1 2 1'
#
loop_
_entity.id
_entity.type
_entity.pdbx_description
1 polymer FeoA
2 non-polymer 'PHOSPHATE ION'
3 non-polymer GLYCEROL
4 water water
#
_entity_poly.entity_id   1
_entity_poly.type   'polypeptide(L)'
_entity_poly.pdbx_seq_one_letter_code
;MLMVVPLSEMGPGDKGIVVNILGGHNARQKLVSMGLTPGATIQVLESHPMGPIIISVGGVRFAIGKGLAGRVMVRKL
;
_entity_poly.pdbx_strand_id   A,B,C,D
#
# COMPACT_ATOMS: atom_id res chain seq x y z
N LEU A 2 13.82 9.39 26.37
CA LEU A 2 12.72 9.81 27.32
C LEU A 2 12.03 11.08 26.83
N MET A 3 12.29 11.44 25.58
CA MET A 3 11.79 12.64 24.99
C MET A 3 10.61 12.35 24.05
N VAL A 4 9.80 13.37 23.84
CA VAL A 4 8.86 13.40 22.74
C VAL A 4 9.55 14.13 21.61
N VAL A 5 9.62 13.48 20.46
CA VAL A 5 10.19 14.06 19.26
C VAL A 5 9.32 13.81 18.06
N PRO A 6 9.50 14.65 17.02
CA PRO A 6 8.79 14.35 15.79
C PRO A 6 9.31 13.04 15.20
N LEU A 7 8.41 12.27 14.56
CA LEU A 7 8.80 11.01 13.94
C LEU A 7 9.96 11.21 12.98
N SER A 8 9.98 12.38 12.35
CA SER A 8 11.05 12.76 11.43
C SER A 8 12.43 12.70 12.08
N GLU A 9 12.55 12.80 13.40
CA GLU A 9 13.88 12.76 14.04
C GLU A 9 14.27 11.40 14.54
N MET A 10 13.43 10.40 14.37
CA MET A 10 13.73 9.13 15.00
C MET A 10 14.64 8.30 14.10
N GLY A 11 15.41 7.41 14.71
CA GLY A 11 16.40 6.62 13.98
C GLY A 11 16.03 5.16 13.87
N PRO A 12 16.76 4.41 13.03
CA PRO A 12 16.52 3.00 12.80
C PRO A 12 16.50 2.26 14.11
N GLY A 13 15.47 1.44 14.32
CA GLY A 13 15.35 0.78 15.58
C GLY A 13 14.55 1.50 16.64
N ASP A 14 14.42 2.81 16.53
CA ASP A 14 13.64 3.56 17.53
C ASP A 14 12.17 3.13 17.51
N LYS A 15 11.59 3.03 18.71
CA LYS A 15 10.21 2.65 18.91
C LYS A 15 9.61 3.74 19.78
N GLY A 16 8.35 4.04 19.55
CA GLY A 16 7.66 5.05 20.35
C GLY A 16 6.16 5.02 20.21
N ILE A 17 5.51 5.91 20.94
CA ILE A 17 4.04 6.00 21.02
C ILE A 17 3.64 7.35 20.48
N VAL A 18 2.75 7.33 19.50
CA VAL A 18 2.19 8.53 18.97
C VAL A 18 1.41 9.26 20.08
N VAL A 19 1.77 10.52 20.34
CA VAL A 19 1.07 11.34 21.35
C VAL A 19 0.33 12.55 20.79
N ASN A 20 0.67 13.02 19.59
CA ASN A 20 0.07 14.23 19.05
C ASN A 20 0.29 14.29 17.56
N ILE A 21 -0.75 14.66 16.84
CA ILE A 21 -0.67 14.87 15.43
C ILE A 21 -0.83 16.40 15.20
N LEU A 22 0.14 17.02 14.54
CA LEU A 22 0.04 18.45 14.25
C LEU A 22 -0.59 18.70 12.88
N GLY A 23 -1.49 19.68 12.81
CA GLY A 23 -1.79 20.32 11.55
C GLY A 23 -3.09 20.00 10.89
N GLY A 24 -4.14 19.80 11.68
CA GLY A 24 -5.49 19.90 11.14
C GLY A 24 -6.05 18.60 10.61
N HIS A 25 -7.28 18.67 10.12
CA HIS A 25 -7.98 17.47 9.68
C HIS A 25 -7.28 16.78 8.51
N ASN A 26 -6.63 17.57 7.65
CA ASN A 26 -6.02 17.00 6.45
C ASN A 26 -4.85 16.15 6.88
N ALA A 27 -4.05 16.64 7.86
CA ALA A 27 -2.88 15.89 8.37
C ALA A 27 -3.33 14.61 9.02
N ARG A 28 -4.31 14.70 9.93
CA ARG A 28 -4.84 13.53 10.57
C ARG A 28 -5.38 12.49 9.59
N GLN A 29 -6.10 12.92 8.55
CA GLN A 29 -6.63 12.04 7.51
C GLN A 29 -5.50 11.36 6.72
N LYS A 30 -4.43 12.07 6.45
CA LYS A 30 -3.30 11.52 5.75
C LYS A 30 -2.55 10.45 6.58
N LEU A 31 -2.46 10.68 7.89
CA LEU A 31 -1.61 9.86 8.79
C LEU A 31 -2.30 8.60 9.26
N VAL A 32 -3.63 8.67 9.42
CA VAL A 32 -4.38 7.52 9.90
C VAL A 32 -4.32 6.36 8.89
N SER A 33 -4.01 6.65 7.63
CA SER A 33 -3.80 5.60 6.60
C SER A 33 -2.61 4.69 6.89
N MET A 34 -1.75 5.13 7.81
CA MET A 34 -0.62 4.36 8.23
C MET A 34 -0.73 3.99 9.70
N GLY A 35 -1.92 4.08 10.26
CA GLY A 35 -2.12 3.71 11.64
C GLY A 35 -1.70 4.77 12.64
N LEU A 36 -1.27 5.95 12.18
CA LEU A 36 -0.72 6.94 13.11
C LEU A 36 -1.75 7.85 13.74
N THR A 37 -2.27 7.42 14.88
CA THR A 37 -3.23 8.19 15.70
CA THR A 37 -3.17 8.26 15.68
C THR A 37 -2.70 8.09 17.12
N PRO A 38 -3.05 9.05 17.99
CA PRO A 38 -2.52 8.98 19.38
C PRO A 38 -2.83 7.69 20.10
N GLY A 39 -1.78 7.09 20.63
CA GLY A 39 -1.87 5.79 21.28
C GLY A 39 -1.20 4.66 20.51
N ALA A 40 -1.06 4.81 19.21
CA ALA A 40 -0.49 3.76 18.37
C ALA A 40 1.00 3.60 18.63
N THR A 41 1.54 2.39 18.47
CA THR A 41 3.00 2.16 18.62
C THR A 41 3.63 2.09 17.24
N ILE A 42 4.79 2.71 17.08
CA ILE A 42 5.44 2.83 15.77
C ILE A 42 6.90 2.45 15.95
N GLN A 43 7.45 1.74 14.97
CA GLN A 43 8.89 1.52 14.95
C GLN A 43 9.48 2.08 13.67
N VAL A 44 10.62 2.76 13.79
CA VAL A 44 11.34 3.24 12.61
C VAL A 44 12.32 2.12 12.23
N LEU A 45 12.25 1.71 10.97
CA LEU A 45 13.09 0.69 10.44
C LEU A 45 14.30 1.32 9.76
N GLU A 46 14.08 2.35 8.94
CA GLU A 46 15.16 3.08 8.30
C GLU A 46 14.76 4.49 7.98
N SER A 47 15.75 5.39 7.91
CA SER A 47 15.49 6.72 7.38
C SER A 47 16.25 6.88 6.04
N MET A 50 17.91 10.83 1.32
CA MET A 50 17.33 11.09 -0.02
C MET A 50 15.91 10.54 -0.25
N GLY A 51 15.29 10.06 0.83
CA GLY A 51 14.13 9.21 0.67
C GLY A 51 13.26 9.23 1.89
N PRO A 52 12.24 8.40 1.91
CA PRO A 52 11.34 8.45 3.03
C PRO A 52 11.82 7.65 4.20
N ILE A 53 11.13 7.81 5.31
CA ILE A 53 11.33 6.95 6.45
C ILE A 53 10.50 5.71 6.27
N ILE A 54 11.07 4.54 6.59
CA ILE A 54 10.33 3.28 6.54
C ILE A 54 9.96 2.96 7.99
N ILE A 55 8.66 2.80 8.22
CA ILE A 55 8.11 2.55 9.49
C ILE A 55 7.34 1.24 9.49
N SER A 56 7.10 0.73 10.69
CA SER A 56 6.19 -0.39 10.93
C SER A 56 5.15 -0.03 11.99
N VAL A 57 3.88 -0.21 11.67
CA VAL A 57 2.78 0.07 12.62
C VAL A 57 1.86 -1.17 12.57
N GLY A 58 1.60 -1.77 13.71
CA GLY A 58 0.69 -2.90 13.73
C GLY A 58 1.25 -4.02 12.89
N GLY A 59 2.57 -4.07 12.78
CA GLY A 59 3.23 -5.10 12.00
C GLY A 59 3.26 -4.81 10.52
N VAL A 60 2.76 -3.64 10.10
CA VAL A 60 2.67 -3.34 8.67
C VAL A 60 3.70 -2.25 8.28
N ARG A 61 4.41 -2.47 7.18
CA ARG A 61 5.46 -1.52 6.78
C ARG A 61 4.91 -0.51 5.82
N PHE A 62 5.24 0.74 6.10
CA PHE A 62 4.92 1.89 5.24
C PHE A 62 6.14 2.79 5.03
N ALA A 63 6.09 3.57 3.94
CA ALA A 63 7.03 4.65 3.73
C ALA A 63 6.35 6.02 3.98
N ILE A 64 7.03 6.92 4.67
CA ILE A 64 6.47 8.22 5.02
C ILE A 64 7.54 9.27 4.76
N GLY A 65 7.13 10.41 4.21
CA GLY A 65 8.05 11.46 3.85
C GLY A 65 8.39 12.21 5.11
N LYS A 66 9.56 12.82 5.16
CA LYS A 66 10.04 13.53 6.37
C LYS A 66 9.17 14.74 6.65
N GLY A 67 8.59 15.31 5.61
CA GLY A 67 7.63 16.41 5.75
C GLY A 67 6.44 16.03 6.59
N LEU A 68 5.70 15.04 6.13
CA LEU A 68 4.57 14.54 6.85
C LEU A 68 4.95 13.93 8.22
N ALA A 69 6.08 13.23 8.29
CA ALA A 69 6.56 12.62 9.54
C ALA A 69 6.85 13.68 10.64
N GLY A 70 7.14 14.90 10.21
CA GLY A 70 7.34 16.05 11.08
C GLY A 70 6.09 16.46 11.84
N ARG A 71 4.92 16.01 11.38
CA ARG A 71 3.68 16.30 12.08
CA ARG A 71 3.63 16.27 12.04
C ARG A 71 3.28 15.28 13.16
N VAL A 72 4.04 14.19 13.27
CA VAL A 72 3.77 13.12 14.22
C VAL A 72 4.63 13.21 15.47
N MET A 73 4.05 13.63 16.58
CA MET A 73 4.83 13.66 17.81
C MET A 73 4.81 12.30 18.50
N VAL A 74 6.00 11.83 18.81
CA VAL A 74 6.22 10.48 19.26
C VAL A 74 7.04 10.45 20.55
N ARG A 75 6.51 9.79 21.57
CA ARG A 75 7.23 9.57 22.84
C ARG A 75 8.07 8.32 22.72
N LYS A 76 9.39 8.48 22.67
CA LYS A 76 10.33 7.39 22.36
C LYS A 76 10.33 6.43 23.53
N LEU A 77 10.39 5.12 23.26
CA LEU A 77 10.45 4.09 24.29
C LEU A 77 11.89 3.58 24.46
N MET B 3 14.52 12.54 -3.86
CA MET B 3 13.39 12.55 -4.82
C MET B 3 12.67 11.17 -4.83
N VAL B 4 12.98 10.29 -3.89
CA VAL B 4 12.15 9.10 -3.65
C VAL B 4 11.07 9.44 -2.63
N VAL B 5 9.82 9.15 -3.00
CA VAL B 5 8.68 9.49 -2.22
C VAL B 5 7.72 8.29 -2.15
N PRO B 6 6.86 8.26 -1.10
CA PRO B 6 5.78 7.27 -1.14
C PRO B 6 4.73 7.72 -2.15
N LEU B 7 4.14 6.75 -2.85
CA LEU B 7 3.11 7.02 -3.87
C LEU B 7 1.97 7.80 -3.24
N SER B 8 1.69 7.49 -1.98
CA SER B 8 0.63 8.15 -1.22
C SER B 8 0.79 9.67 -1.08
N GLU B 9 2.00 10.21 -1.24
CA GLU B 9 2.27 11.67 -1.07
C GLU B 9 2.50 12.35 -2.43
N MET B 10 2.34 11.63 -3.52
CA MET B 10 2.51 12.26 -4.83
C MET B 10 1.25 13.03 -5.21
N GLY B 11 1.39 14.19 -5.80
CA GLY B 11 0.19 14.93 -6.17
C GLY B 11 -0.26 14.79 -7.62
N PRO B 12 -1.40 15.45 -7.95
CA PRO B 12 -1.92 15.42 -9.30
C PRO B 12 -0.86 15.90 -10.27
N GLY B 13 -0.61 15.11 -11.29
CA GLY B 13 0.37 15.47 -12.29
C GLY B 13 1.76 14.90 -12.07
N ASP B 14 2.07 14.47 -10.85
CA ASP B 14 3.38 13.93 -10.56
C ASP B 14 3.54 12.61 -11.26
N LYS B 15 4.72 12.40 -11.83
CA LYS B 15 5.09 11.18 -12.55
C LYS B 15 6.28 10.58 -11.84
N GLY B 16 6.44 9.27 -11.87
CA GLY B 16 7.67 8.67 -11.36
C GLY B 16 7.84 7.22 -11.77
N ILE B 17 8.93 6.63 -11.36
CA ILE B 17 9.17 5.20 -11.56
C ILE B 17 9.14 4.48 -10.22
N VAL B 18 8.35 3.41 -10.15
CA VAL B 18 8.34 2.58 -8.96
C VAL B 18 9.69 1.97 -8.74
N VAL B 19 10.26 2.17 -7.55
CA VAL B 19 11.57 1.59 -7.21
C VAL B 19 11.52 0.54 -6.09
N ASN B 20 10.48 0.50 -5.28
CA ASN B 20 10.45 -0.52 -4.21
C ASN B 20 9.01 -0.70 -3.76
N ILE B 21 8.69 -1.95 -3.43
CA ILE B 21 7.40 -2.33 -2.85
C ILE B 21 7.66 -2.90 -1.50
N LEU B 22 6.95 -2.38 -0.50
CA LEU B 22 7.04 -2.92 0.85
C LEU B 22 5.90 -3.94 1.05
N GLY B 23 6.14 -4.93 1.89
CA GLY B 23 5.09 -5.85 2.32
C GLY B 23 5.35 -7.26 1.83
N GLY B 24 4.50 -8.17 2.24
CA GLY B 24 4.61 -9.56 1.86
C GLY B 24 3.97 -9.88 0.51
N HIS B 25 3.68 -11.15 0.30
CA HIS B 25 3.31 -11.63 -1.01
C HIS B 25 1.98 -11.08 -1.33
N ASN B 26 1.17 -10.95 -0.28
CA ASN B 26 -0.16 -10.43 -0.39
C ASN B 26 -0.18 -9.00 -0.97
N ALA B 27 0.63 -8.14 -0.38
CA ALA B 27 0.73 -6.76 -0.83
C ALA B 27 1.25 -6.72 -2.26
N ARG B 28 2.25 -7.54 -2.58
CA ARG B 28 2.86 -7.52 -3.93
C ARG B 28 1.84 -7.93 -4.96
N GLN B 29 0.99 -8.91 -4.60
CA GLN B 29 -0.08 -9.39 -5.51
C GLN B 29 -1.15 -8.36 -5.80
N LYS B 30 -1.60 -7.66 -4.77
CA LYS B 30 -2.51 -6.58 -4.97
C LYS B 30 -1.93 -5.48 -5.87
N LEU B 31 -0.70 -5.11 -5.61
CA LEU B 31 -0.02 -3.99 -6.29
C LEU B 31 0.29 -4.30 -7.75
N VAL B 32 0.75 -5.53 -8.01
CA VAL B 32 0.98 -5.97 -9.39
C VAL B 32 -0.32 -5.99 -10.22
N SER B 33 -1.48 -6.15 -9.59
CA SER B 33 -2.74 -6.08 -10.33
C SER B 33 -3.04 -4.69 -10.84
N MET B 34 -2.33 -3.72 -10.33
CA MET B 34 -2.49 -2.37 -10.83
C MET B 34 -1.24 -1.91 -11.58
N GLY B 35 -0.41 -2.87 -12.01
CA GLY B 35 0.85 -2.56 -12.70
C GLY B 35 2.00 -2.06 -11.83
N LEU B 36 1.80 -2.03 -10.51
CA LEU B 36 2.83 -1.46 -9.61
C LEU B 36 3.86 -2.48 -9.17
N THR B 37 4.94 -2.48 -9.95
CA THR B 37 6.09 -3.34 -9.76
C THR B 37 7.34 -2.47 -10.07
N PRO B 38 8.50 -2.76 -9.48
CA PRO B 38 9.72 -1.98 -9.75
C PRO B 38 9.98 -1.80 -11.27
N GLY B 39 10.17 -0.55 -11.64
CA GLY B 39 10.47 -0.16 -13.01
C GLY B 39 9.29 0.39 -13.75
N ALA B 40 8.06 0.13 -13.25
CA ALA B 40 6.86 0.66 -13.88
C ALA B 40 6.78 2.19 -13.74
N THR B 41 6.23 2.86 -14.75
CA THR B 41 5.98 4.34 -14.67
C THR B 41 4.55 4.63 -14.25
N ILE B 42 4.41 5.53 -13.27
CA ILE B 42 3.11 5.87 -12.68
C ILE B 42 2.90 7.41 -12.76
N GLN B 43 1.67 7.83 -13.01
CA GLN B 43 1.30 9.23 -12.95
C GLN B 43 0.11 9.33 -12.07
N VAL B 44 0.14 10.24 -11.13
CA VAL B 44 -1.01 10.50 -10.25
C VAL B 44 -1.94 11.52 -10.93
N LEU B 45 -3.21 11.17 -10.97
CA LEU B 45 -4.23 11.92 -11.64
C LEU B 45 -5.05 12.75 -10.67
N GLU B 46 -5.39 12.19 -9.51
CA GLU B 46 -6.14 12.88 -8.46
C GLU B 46 -5.75 12.27 -7.12
N SER B 47 -5.56 13.10 -6.10
CA SER B 47 -5.22 12.60 -4.76
C SER B 47 -5.71 13.60 -3.69
N HIS B 48 -6.58 13.15 -2.79
CA HIS B 48 -7.04 13.97 -1.65
C HIS B 48 -6.67 13.21 -0.35
N PRO B 49 -6.65 13.90 0.83
CA PRO B 49 -6.31 13.32 2.15
C PRO B 49 -6.66 11.86 2.15
N MET B 50 -7.88 11.47 1.79
CA MET B 50 -8.71 10.48 2.44
C MET B 50 -8.54 9.31 1.38
N GLY B 51 -8.29 9.65 0.11
CA GLY B 51 -8.15 8.66 -0.98
C GLY B 51 -9.53 8.27 -1.44
N PRO B 52 -9.63 7.38 -2.44
CA PRO B 52 -8.54 6.68 -3.12
C PRO B 52 -7.75 7.62 -3.98
N ILE B 53 -6.53 7.25 -4.33
CA ILE B 53 -5.71 8.00 -5.28
C ILE B 53 -6.04 7.45 -6.64
N ILE B 54 -6.21 8.32 -7.62
CA ILE B 54 -6.39 7.87 -9.04
C ILE B 54 -5.07 7.99 -9.76
N ILE B 55 -4.63 6.86 -10.28
CA ILE B 55 -3.36 6.75 -10.93
C ILE B 55 -3.52 6.17 -12.36
N SER B 56 -2.48 6.36 -13.16
CA SER B 56 -2.38 5.78 -14.45
C SER B 56 -1.02 5.09 -14.60
N VAL B 57 -1.07 3.82 -14.98
CA VAL B 57 0.10 2.95 -15.18
C VAL B 57 -0.03 2.31 -16.55
N GLY B 58 0.93 2.56 -17.43
CA GLY B 58 0.91 2.03 -18.81
C GLY B 58 -0.30 2.42 -19.58
N GLY B 59 -0.81 3.63 -19.25
CA GLY B 59 -2.02 4.14 -19.85
C GLY B 59 -3.32 3.64 -19.26
N VAL B 60 -3.29 2.80 -18.23
CA VAL B 60 -4.51 2.27 -17.67
C VAL B 60 -4.79 2.91 -16.32
N ARG B 61 -6.03 3.32 -16.11
CA ARG B 61 -6.39 4.01 -14.88
C ARG B 61 -6.78 3.06 -13.77
N PHE B 62 -6.32 3.38 -12.55
CA PHE B 62 -6.63 2.59 -11.36
C PHE B 62 -6.87 3.50 -10.16
N ALA B 63 -7.67 3.02 -9.23
CA ALA B 63 -7.91 3.68 -7.95
C ALA B 63 -7.17 2.88 -6.91
N ILE B 64 -6.24 3.52 -6.20
CA ILE B 64 -5.51 2.84 -5.13
C ILE B 64 -5.80 3.52 -3.77
N GLY B 65 -6.02 2.73 -2.73
CA GLY B 65 -6.21 3.30 -1.40
C GLY B 65 -4.93 3.93 -0.86
N LYS B 66 -5.12 4.90 0.03
CA LYS B 66 -4.02 5.65 0.60
C LYS B 66 -3.08 4.78 1.40
N GLY B 67 -3.62 3.79 2.12
CA GLY B 67 -2.73 2.88 2.87
C GLY B 67 -1.84 2.04 1.97
N LEU B 68 -2.45 1.35 1.02
CA LEU B 68 -1.72 0.50 0.09
C LEU B 68 -0.71 1.35 -0.70
N ALA B 69 -1.08 2.57 -1.04
CA ALA B 69 -0.16 3.49 -1.77
C ALA B 69 1.05 3.82 -0.93
N GLY B 70 0.90 3.73 0.40
CA GLY B 70 2.00 3.98 1.35
C GLY B 70 3.03 2.85 1.36
N ARG B 71 2.73 1.75 0.64
CA ARG B 71 3.67 0.65 0.48
C ARG B 71 4.58 0.78 -0.73
N VAL B 72 4.35 1.79 -1.57
CA VAL B 72 4.99 1.92 -2.88
C VAL B 72 5.94 3.13 -2.81
N MET B 73 7.22 2.92 -3.13
CA MET B 73 8.19 3.98 -3.18
C MET B 73 8.50 4.24 -4.65
N VAL B 74 8.51 5.51 -4.99
CA VAL B 74 8.61 5.92 -6.35
C VAL B 74 9.73 6.97 -6.47
N ARG B 75 10.59 6.88 -7.49
CA ARG B 75 11.53 7.95 -7.83
C ARG B 75 10.78 8.95 -8.70
N LYS B 76 10.56 10.12 -8.15
CA LYS B 76 9.87 11.18 -8.89
C LYS B 76 10.64 11.62 -10.15
N LEU B 77 9.94 11.91 -11.25
CA LEU B 77 10.61 12.41 -12.48
C LEU B 77 10.33 13.90 -12.72
N MET C 1 24.69 -7.07 -30.53
CA MET C 1 23.27 -7.40 -30.78
C MET C 1 22.48 -7.39 -29.46
N LEU C 2 21.65 -6.37 -29.33
CA LEU C 2 20.73 -6.31 -28.22
C LEU C 2 19.61 -7.28 -28.59
N MET C 3 19.21 -8.17 -27.66
CA MET C 3 18.14 -9.12 -27.92
C MET C 3 16.83 -8.53 -27.44
N VAL C 4 15.96 -8.21 -28.40
CA VAL C 4 14.66 -7.69 -28.13
C VAL C 4 13.67 -8.63 -28.77
N VAL C 5 12.91 -9.31 -27.93
CA VAL C 5 12.07 -10.42 -28.41
C VAL C 5 10.74 -10.40 -27.71
N PRO C 6 9.70 -10.97 -28.34
CA PRO C 6 8.43 -11.15 -27.64
C PRO C 6 8.55 -12.13 -26.48
N LEU C 7 7.75 -11.90 -25.45
CA LEU C 7 7.82 -12.74 -24.30
C LEU C 7 7.53 -14.18 -24.72
N SER C 8 6.66 -14.36 -25.71
CA SER C 8 6.33 -15.69 -26.29
C SER C 8 7.53 -16.50 -26.79
N GLU C 9 8.65 -15.82 -27.07
CA GLU C 9 9.85 -16.47 -27.56
C GLU C 9 10.89 -16.72 -26.50
N MET C 10 10.60 -16.39 -25.25
CA MET C 10 11.59 -16.53 -24.20
C MET C 10 11.40 -17.84 -23.47
N GLY C 11 12.45 -18.35 -22.90
CA GLY C 11 12.40 -19.69 -22.33
C GLY C 11 12.72 -19.66 -20.86
N PRO C 12 12.41 -20.75 -20.15
CA PRO C 12 12.68 -20.86 -18.74
C PRO C 12 14.09 -20.36 -18.40
N GLY C 13 14.19 -19.61 -17.32
CA GLY C 13 15.43 -18.98 -16.96
C GLY C 13 15.68 -17.60 -17.54
N ASP C 14 15.10 -17.24 -18.69
CA ASP C 14 15.34 -15.89 -19.26
C ASP C 14 14.76 -14.83 -18.33
N LYS C 15 15.47 -13.69 -18.27
CA LYS C 15 14.98 -12.50 -17.61
C LYS C 15 15.10 -11.32 -18.56
N GLY C 16 14.19 -10.37 -18.44
CA GLY C 16 14.26 -9.18 -19.23
C GLY C 16 13.39 -8.04 -18.70
N ILE C 17 13.41 -6.95 -19.42
CA ILE C 17 12.67 -5.74 -19.08
C ILE C 17 11.70 -5.50 -20.21
N VAL C 18 10.43 -5.28 -19.88
CA VAL C 18 9.44 -4.98 -20.90
C VAL C 18 9.75 -3.63 -21.53
N VAL C 19 9.69 -3.57 -22.86
CA VAL C 19 10.04 -2.36 -23.59
C VAL C 19 8.81 -1.79 -24.26
N ASN C 20 7.87 -2.63 -24.64
CA ASN C 20 6.73 -2.21 -25.43
C ASN C 20 5.61 -3.21 -25.33
N ILE C 21 4.37 -2.74 -25.30
CA ILE C 21 3.21 -3.58 -25.38
C ILE C 21 2.58 -3.30 -26.74
N LEU C 22 2.40 -4.32 -27.58
CA LEU C 22 1.78 -4.15 -28.91
C LEU C 22 0.27 -4.24 -28.79
N GLY C 23 -0.45 -3.31 -29.42
CA GLY C 23 -1.91 -3.43 -29.60
C GLY C 23 -2.85 -2.48 -28.88
N GLY C 24 -2.33 -1.37 -28.40
CA GLY C 24 -3.18 -0.43 -27.70
C GLY C 24 -4.09 -1.01 -26.62
N HIS C 25 -5.34 -0.51 -26.58
CA HIS C 25 -6.19 -0.42 -25.39
C HIS C 25 -6.50 -1.67 -24.62
N ASN C 26 -7.15 -2.62 -25.28
CA ASN C 26 -7.59 -3.87 -24.67
C ASN C 26 -6.38 -4.70 -24.21
N ALA C 27 -5.34 -4.70 -25.03
CA ALA C 27 -4.07 -5.40 -24.76
C ALA C 27 -3.41 -4.89 -23.48
N ARG C 28 -3.18 -3.58 -23.44
CA ARG C 28 -2.61 -2.92 -22.25
C ARG C 28 -3.39 -3.27 -20.96
N GLN C 29 -4.72 -3.23 -20.99
CA GLN C 29 -5.49 -3.53 -19.79
C GLN C 29 -5.38 -5.01 -19.38
N LYS C 30 -5.35 -5.90 -20.36
CA LYS C 30 -5.17 -7.32 -20.06
C LYS C 30 -3.78 -7.60 -19.47
N LEU C 31 -2.77 -6.90 -19.98
CA LEU C 31 -1.39 -7.12 -19.55
C LEU C 31 -0.94 -6.40 -18.24
N VAL C 32 -1.49 -5.22 -17.99
CA VAL C 32 -1.02 -4.42 -16.86
C VAL C 32 -1.40 -5.13 -15.56
N SER C 33 -2.47 -5.93 -15.59
CA SER C 33 -2.91 -6.69 -14.43
C SER C 33 -1.97 -7.87 -14.07
N MET C 34 -1.00 -8.15 -14.93
CA MET C 34 0.05 -9.14 -14.63
C MET C 34 1.38 -8.42 -14.43
N GLY C 35 1.29 -7.11 -14.24
CA GLY C 35 2.46 -6.26 -14.04
C GLY C 35 3.23 -5.98 -15.33
N LEU C 36 2.68 -6.38 -16.48
CA LEU C 36 3.39 -6.25 -17.78
C LEU C 36 3.10 -4.88 -18.43
N THR C 37 3.97 -3.94 -18.08
CA THR C 37 4.01 -2.58 -18.54
C THR C 37 5.51 -2.23 -18.79
N PRO C 38 5.79 -1.25 -19.68
CA PRO C 38 7.18 -0.91 -19.88
C PRO C 38 7.96 -0.58 -18.63
N GLY C 39 9.08 -1.26 -18.49
CA GLY C 39 10.03 -1.09 -17.40
C GLY C 39 9.98 -2.17 -16.36
N ALA C 40 8.89 -2.93 -16.28
CA ALA C 40 8.83 -4.08 -15.40
C ALA C 40 9.80 -5.17 -15.83
N THR C 41 10.33 -5.92 -14.85
CA THR C 41 11.24 -7.04 -15.09
C THR C 41 10.44 -8.33 -14.96
N ILE C 42 10.69 -9.22 -15.89
CA ILE C 42 10.01 -10.48 -15.96
C ILE C 42 11.06 -11.60 -15.96
N GLN C 43 10.76 -12.66 -15.21
CA GLN C 43 11.46 -13.92 -15.36
C GLN C 43 10.53 -14.99 -15.83
N VAL C 44 11.00 -15.74 -16.81
CA VAL C 44 10.26 -16.85 -17.34
C VAL C 44 10.64 -18.07 -16.52
N LEU C 45 9.62 -18.73 -15.96
CA LEU C 45 9.81 -19.87 -15.07
C LEU C 45 9.56 -21.21 -15.77
N GLU C 46 8.57 -21.27 -16.64
CA GLU C 46 8.21 -22.51 -17.34
C GLU C 46 7.55 -22.15 -18.65
N SER C 47 7.73 -23.02 -19.64
CA SER C 47 7.09 -22.88 -20.92
C SER C 47 6.99 -24.22 -21.62
N HIS C 48 5.98 -24.33 -22.49
CA HIS C 48 5.74 -25.50 -23.35
C HIS C 48 5.37 -25.08 -24.76
N PRO C 49 5.49 -26.02 -25.75
CA PRO C 49 4.97 -25.83 -27.14
C PRO C 49 3.83 -24.85 -27.00
N MET C 50 2.81 -25.13 -26.20
CA MET C 50 1.39 -25.13 -26.62
C MET C 50 0.90 -24.08 -25.56
N GLY C 51 1.87 -23.51 -24.82
CA GLY C 51 1.63 -22.77 -23.60
C GLY C 51 1.08 -23.65 -22.48
N PRO C 52 0.76 -23.04 -21.33
CA PRO C 52 0.97 -21.61 -21.07
C PRO C 52 2.44 -21.31 -20.73
N ILE C 53 2.77 -20.03 -20.62
CA ILE C 53 4.05 -19.64 -20.04
C ILE C 53 3.83 -19.21 -18.60
N ILE C 54 4.69 -19.65 -17.71
CA ILE C 54 4.62 -19.20 -16.34
C ILE C 54 5.73 -18.20 -16.11
N ILE C 55 5.36 -17.00 -15.67
CA ILE C 55 6.31 -15.94 -15.39
C ILE C 55 6.23 -15.47 -13.94
N SER C 56 7.27 -14.75 -13.54
CA SER C 56 7.30 -14.05 -12.29
C SER C 56 7.60 -12.56 -12.55
N VAL C 57 6.73 -11.70 -12.00
CA VAL C 57 6.82 -10.23 -12.10
C VAL C 57 6.69 -9.65 -10.68
N GLY C 58 7.76 -8.98 -10.22
CA GLY C 58 7.78 -8.40 -8.89
C GLY C 58 7.55 -9.41 -7.81
N GLY C 59 8.07 -10.63 -8.04
CA GLY C 59 7.86 -11.74 -7.15
C GLY C 59 6.50 -12.41 -7.19
N VAL C 60 5.64 -12.08 -8.14
CA VAL C 60 4.33 -12.68 -8.24
C VAL C 60 4.26 -13.54 -9.51
N ARG C 61 3.72 -14.76 -9.37
CA ARG C 61 3.64 -15.70 -10.49
C ARG C 61 2.33 -15.58 -11.27
N PHE C 62 2.46 -15.57 -12.60
CA PHE C 62 1.33 -15.54 -13.49
C PHE C 62 1.49 -16.57 -14.60
N ALA C 63 0.38 -17.08 -15.11
CA ALA C 63 0.36 -17.85 -16.35
C ALA C 63 -0.16 -16.94 -17.44
N ILE C 64 0.51 -16.97 -18.59
CA ILE C 64 0.07 -16.20 -19.71
C ILE C 64 0.04 -17.09 -20.94
N GLY C 65 -0.88 -16.82 -21.84
CA GLY C 65 -0.98 -17.58 -23.07
C GLY C 65 0.06 -17.08 -24.04
N LYS C 66 0.52 -17.98 -24.91
CA LYS C 66 1.49 -17.61 -25.94
C LYS C 66 1.02 -16.47 -26.82
N GLY C 67 -0.26 -16.49 -27.20
CA GLY C 67 -0.82 -15.37 -28.00
C GLY C 67 -0.69 -14.01 -27.36
N LEU C 68 -1.14 -13.86 -26.11
CA LEU C 68 -1.05 -12.58 -25.43
C LEU C 68 0.41 -12.20 -25.16
N ALA C 69 1.22 -13.21 -24.84
CA ALA C 69 2.65 -13.05 -24.62
C ALA C 69 3.43 -12.54 -25.87
N GLY C 70 2.92 -12.81 -27.06
CA GLY C 70 3.43 -12.20 -28.28
C GLY C 70 3.33 -10.69 -28.38
N ARG C 71 2.44 -10.11 -27.59
CA ARG C 71 2.32 -8.67 -27.52
C ARG C 71 3.27 -8.00 -26.56
N VAL C 72 4.03 -8.77 -25.76
CA VAL C 72 4.94 -8.19 -24.81
C VAL C 72 6.38 -8.20 -25.40
N MET C 73 6.95 -7.04 -25.74
CA MET C 73 8.34 -7.03 -26.27
C MET C 73 9.30 -6.80 -25.12
N VAL C 74 10.31 -7.61 -25.03
CA VAL C 74 11.14 -7.62 -23.86
C VAL C 74 12.58 -7.45 -24.34
N ARG C 75 13.36 -6.64 -23.63
CA ARG C 75 14.81 -6.68 -23.83
C ARG C 75 15.43 -7.61 -22.80
N LYS C 76 16.13 -8.63 -23.29
CA LYS C 76 16.77 -9.62 -22.42
C LYS C 76 17.90 -9.00 -21.64
N LEU C 77 18.09 -9.49 -20.44
CA LEU C 77 19.13 -8.98 -19.56
C LEU C 77 20.38 -9.86 -19.59
N LEU D 2 -13.43 -3.04 33.01
CA LEU D 2 -13.82 -2.78 31.59
C LEU D 2 -13.82 -4.07 30.78
N MET D 3 -14.86 -4.31 30.01
CA MET D 3 -15.03 -5.52 29.20
C MET D 3 -14.26 -5.42 27.85
N VAL D 4 -13.78 -6.54 27.35
CA VAL D 4 -13.18 -6.59 26.04
C VAL D 4 -14.22 -7.26 25.12
N VAL D 5 -14.61 -6.56 24.07
CA VAL D 5 -15.59 -7.03 23.07
C VAL D 5 -15.07 -6.86 21.65
N PRO D 6 -15.54 -7.75 20.73
CA PRO D 6 -15.23 -7.53 19.34
C PRO D 6 -15.91 -6.23 18.87
N LEU D 7 -15.28 -5.52 17.94
CA LEU D 7 -15.78 -4.20 17.52
C LEU D 7 -17.19 -4.33 16.96
N SER D 8 -17.46 -5.45 16.29
CA SER D 8 -18.79 -5.71 15.68
C SER D 8 -19.95 -5.70 16.65
N GLU D 9 -19.65 -5.87 17.93
CA GLU D 9 -20.67 -5.96 18.97
C GLU D 9 -20.92 -4.68 19.72
N MET D 10 -20.18 -3.63 19.42
CA MET D 10 -20.30 -2.38 20.14
C MET D 10 -21.42 -1.54 19.56
N GLY D 11 -22.04 -0.69 20.40
CA GLY D 11 -23.19 0.11 19.96
C GLY D 11 -22.80 1.52 19.59
N PRO D 12 -23.71 2.27 18.95
CA PRO D 12 -23.42 3.65 18.65
C PRO D 12 -23.21 4.42 19.93
N GLY D 13 -22.20 5.29 19.91
CA GLY D 13 -21.81 6.02 21.06
C GLY D 13 -20.73 5.35 21.87
N ASP D 14 -20.56 4.04 21.77
CA ASP D 14 -19.55 3.34 22.57
C ASP D 14 -18.16 3.78 22.14
N LYS D 15 -17.27 3.98 23.13
CA LYS D 15 -15.86 4.22 22.87
C LYS D 15 -15.06 3.05 23.42
N GLY D 16 -13.90 2.81 22.80
CA GLY D 16 -12.97 1.82 23.32
C GLY D 16 -11.55 2.00 22.88
N ILE D 17 -10.68 1.15 23.42
CA ILE D 17 -9.28 1.10 23.00
C ILE D 17 -9.06 -0.24 22.28
N VAL D 18 -8.40 -0.22 21.13
CA VAL D 18 -8.07 -1.42 20.40
C VAL D 18 -7.07 -2.22 21.21
N VAL D 19 -7.38 -3.48 21.46
CA VAL D 19 -6.48 -4.36 22.24
C VAL D 19 -5.60 -5.20 21.31
N ASN D 20 -6.24 -5.94 20.43
CA ASN D 20 -5.56 -6.72 19.45
C ASN D 20 -6.50 -7.22 18.36
N ILE D 21 -5.89 -7.75 17.30
CA ILE D 21 -6.58 -8.25 16.12
C ILE D 21 -6.41 -9.77 16.08
N LEU D 22 -7.53 -10.51 16.03
CA LEU D 22 -7.56 -11.97 16.13
C LEU D 22 -7.44 -12.66 14.79
N ASN D 26 -3.21 -10.53 7.15
CA ASN D 26 -3.75 -10.51 5.77
C ASN D 26 -4.71 -9.35 5.45
N ALA D 27 -5.76 -9.17 6.26
CA ALA D 27 -6.46 -7.88 6.29
C ALA D 27 -5.75 -6.90 7.24
N ARG D 28 -4.56 -7.26 7.67
CA ARG D 28 -3.83 -6.46 8.64
C ARG D 28 -3.61 -5.02 8.15
N GLN D 29 -3.13 -4.89 6.90
CA GLN D 29 -2.88 -3.55 6.38
C GLN D 29 -4.17 -2.75 6.28
N LYS D 30 -5.21 -3.39 5.75
CA LYS D 30 -6.53 -2.78 5.68
C LYS D 30 -6.95 -2.24 7.02
N LEU D 31 -6.78 -3.03 8.06
CA LEU D 31 -7.17 -2.61 9.42
C LEU D 31 -6.29 -1.44 9.96
N VAL D 32 -4.98 -1.55 9.77
CA VAL D 32 -4.06 -0.52 10.24
C VAL D 32 -4.41 0.82 9.57
N SER D 33 -4.81 0.79 8.30
CA SER D 33 -5.09 1.99 7.53
C SER D 33 -6.45 2.61 7.84
N MET D 34 -7.26 1.96 8.68
CA MET D 34 -8.42 2.62 9.30
C MET D 34 -8.11 2.96 10.76
N GLY D 35 -6.82 2.93 11.12
CA GLY D 35 -6.37 3.31 12.45
C GLY D 35 -6.46 2.23 13.50
N LEU D 36 -6.83 1.01 13.07
CA LEU D 36 -7.16 -0.06 14.00
C LEU D 36 -5.88 -0.81 14.30
N THR D 37 -5.19 -0.31 15.29
CA THR D 37 -3.95 -0.88 15.74
C THR D 37 -3.96 -0.77 17.28
N PRO D 38 -3.32 -1.71 17.97
CA PRO D 38 -3.41 -1.70 19.42
C PRO D 38 -3.05 -0.37 20.06
N GLY D 39 -3.90 0.10 20.97
CA GLY D 39 -3.73 1.41 21.64
C GLY D 39 -4.57 2.52 21.07
N ALA D 40 -5.04 2.40 19.83
CA ALA D 40 -5.86 3.49 19.29
C ALA D 40 -7.22 3.58 20.02
N THR D 41 -7.75 4.78 20.07
CA THR D 41 -9.09 5.06 20.67
C THR D 41 -10.07 5.09 19.54
N ILE D 42 -11.16 4.35 19.69
CA ILE D 42 -12.19 4.35 18.64
C ILE D 42 -13.54 4.74 19.27
N GLN D 43 -14.39 5.35 18.47
CA GLN D 43 -15.78 5.54 18.82
C GLN D 43 -16.67 4.92 17.75
N VAL D 44 -17.70 4.19 18.18
CA VAL D 44 -18.63 3.64 17.22
C VAL D 44 -19.75 4.70 17.04
N LEU D 45 -20.04 5.00 15.79
CA LEU D 45 -21.06 6.01 15.46
C LEU D 45 -22.35 5.35 15.03
N GLU D 46 -22.22 4.18 14.41
CA GLU D 46 -23.36 3.48 13.81
C GLU D 46 -23.01 2.00 13.63
N SER D 47 -23.91 1.12 14.05
CA SER D 47 -23.82 -0.32 13.75
C SER D 47 -25.27 -0.64 13.52
N HIS D 48 -25.70 -0.73 12.30
CA HIS D 48 -26.13 -1.94 11.68
C HIS D 48 -25.73 -3.44 11.97
N PRO D 49 -26.72 -4.28 12.34
CA PRO D 49 -26.49 -5.69 12.73
C PRO D 49 -26.20 -6.85 11.74
N MET D 50 -26.47 -6.83 10.42
CA MET D 50 -26.04 -5.85 9.45
C MET D 50 -24.60 -5.57 9.04
N GLY D 51 -23.93 -4.61 9.67
CA GLY D 51 -22.73 -4.01 9.08
C GLY D 51 -23.15 -3.10 7.93
N PRO D 52 -22.24 -2.24 7.45
CA PRO D 52 -20.92 -1.97 8.02
C PRO D 52 -21.03 -1.25 9.34
N ILE D 53 -20.00 -1.34 10.17
CA ILE D 53 -19.92 -0.53 11.36
C ILE D 53 -19.29 0.82 10.91
N ILE D 54 -19.85 1.94 11.33
CA ILE D 54 -19.24 3.26 11.10
C ILE D 54 -18.54 3.68 12.39
N ILE D 55 -17.23 3.91 12.31
CA ILE D 55 -16.40 4.31 13.45
C ILE D 55 -15.67 5.60 13.18
N SER D 56 -15.16 6.17 14.25
CA SER D 56 -14.26 7.29 14.17
C SER D 56 -13.00 6.90 14.93
N VAL D 57 -11.83 7.09 14.30
CA VAL D 57 -10.53 6.84 14.95
C VAL D 57 -9.65 8.07 14.70
N GLY D 58 -9.18 8.70 15.77
CA GLY D 58 -8.33 9.90 15.64
C GLY D 58 -9.01 11.02 14.88
N GLY D 59 -10.33 11.07 15.02
CA GLY D 59 -11.16 12.06 14.33
C GLY D 59 -11.48 11.76 12.88
N VAL D 60 -11.16 10.58 12.39
CA VAL D 60 -11.44 10.23 11.01
C VAL D 60 -12.45 9.07 10.96
N ARG D 61 -13.43 9.21 10.06
CA ARG D 61 -14.56 8.30 9.96
C ARG D 61 -14.24 7.22 8.95
N PHE D 62 -14.54 5.95 9.31
CA PHE D 62 -14.43 4.77 8.45
C PHE D 62 -15.64 3.85 8.54
N ALA D 63 -15.91 3.13 7.47
CA ALA D 63 -16.94 2.08 7.50
C ALA D 63 -16.22 0.78 7.44
N ILE D 64 -16.52 -0.14 8.36
CA ILE D 64 -15.88 -1.44 8.39
C ILE D 64 -16.95 -2.58 8.37
N GLY D 65 -16.69 -3.61 7.55
CA GLY D 65 -17.55 -4.75 7.47
C GLY D 65 -17.64 -5.52 8.77
N LYS D 66 -18.80 -6.15 8.99
CA LYS D 66 -19.05 -6.82 10.27
C LYS D 66 -18.11 -8.02 10.48
N GLY D 67 -17.77 -8.69 9.39
CA GLY D 67 -16.86 -9.84 9.48
C GLY D 67 -15.49 -9.45 9.96
N LEU D 68 -14.87 -8.51 9.25
CA LEU D 68 -13.61 -7.90 9.65
C LEU D 68 -13.67 -7.28 11.09
N ALA D 69 -14.71 -6.49 11.37
CA ALA D 69 -14.90 -5.89 12.69
C ALA D 69 -14.94 -6.93 13.82
N GLY D 70 -15.41 -8.15 13.51
CA GLY D 70 -15.49 -9.21 14.51
C GLY D 70 -14.14 -9.75 14.95
N ARG D 71 -13.10 -9.39 14.22
CA ARG D 71 -11.77 -9.74 14.61
C ARG D 71 -10.98 -8.66 15.37
N VAL D 72 -11.59 -7.50 15.59
CA VAL D 72 -10.92 -6.43 16.29
C VAL D 72 -11.40 -6.46 17.74
N MET D 73 -10.50 -6.74 18.68
CA MET D 73 -10.90 -6.82 20.08
C MET D 73 -10.68 -5.42 20.65
N VAL D 74 -11.72 -4.91 21.32
CA VAL D 74 -11.77 -3.57 21.84
C VAL D 74 -12.11 -3.59 23.32
N ARG D 75 -11.34 -2.85 24.11
CA ARG D 75 -11.62 -2.62 25.50
C ARG D 75 -12.62 -1.49 25.63
N LYS D 76 -13.85 -1.84 26.05
CA LYS D 76 -14.95 -0.91 26.05
C LYS D 76 -14.85 -0.03 27.28
N LEU D 77 -14.96 1.28 27.10
CA LEU D 77 -14.78 2.24 28.19
C LEU D 77 -16.10 2.45 28.97
#